data_4B99
#
_entry.id   4B99
#
_cell.length_a   95.150
_cell.length_b   95.150
_cell.length_c   119.450
_cell.angle_alpha   90.00
_cell.angle_beta   90.00
_cell.angle_gamma   90.00
#
_symmetry.space_group_name_H-M   'P 41 21 2'
#
loop_
_entity.id
_entity.type
_entity.pdbx_description
1 polymer 'MITOGEN-ACTIVATED PROTEIN KINASE 7'
2 non-polymer 11-cyclopentyl-2-[[2-methoxy-4-[4-(4-methylpiperazin-1-yl)piperidin-1-yl]carbonyl-phenyl]amino]-5-methyl-pyrimido[4,5-b][1,4]benzodiazepin-6-one
3 water water
#
_entity_poly.entity_id   1
_entity_poly.type   'polypeptide(L)'
_entity_poly.pdbx_seq_one_letter_code
;SMAEPLKEEDGEDGSAEPPGPVKAEPAHTAASVAAKNLALLKARSFDVTFDVGDEYEIIETIGNGAYGVVSSARRRLTGQ
QVAIKKIPNAFDVVTNAKRTLRELKILKHFKHDNIIAIKDILRPTVPYGEFKSVYVVLDLMESDLHQIIHSSQPLTLEHV
RYFLYQLLRGLKYMHSAQVIHRDLKPSNLLVNENCELKIGDFGMARGLCTSPAEHQYFMTEYVATRWYRAPELMLSLHEY
TQAIDLWSVGCIFGEMLARRQLFPGKNYVHQLQLIMMVLGTPSPAVIQAVGAERVRAYIQSLPPRQPVPWETVYPGADRQ
ALSLLGRMLRFEPSARISAAAALRHPFLAKYHDPDDEPDCAPPFDFAFDREALTRERIKEAIVAEIEDFHARREGIRQ
;
_entity_poly.pdbx_strand_id   A
#
loop_
_chem_comp.id
_chem_comp.type
_chem_comp.name
_chem_comp.formula
R4L non-polymer 11-cyclopentyl-2-[[2-methoxy-4-[4-(4-methylpiperazin-1-yl)piperidin-1-yl]carbonyl-phenyl]amino]-5-methyl-pyrimido[4,5-b][1,4]benzodiazepin-6-one 'C35 H44 N8 O3'
#
# COMPACT_ATOMS: atom_id res chain seq x y z
N VAL A 48 -11.15 18.96 23.51
CA VAL A 48 -10.68 17.55 23.55
C VAL A 48 -10.27 17.06 22.16
N THR A 49 -11.11 17.33 21.16
CA THR A 49 -10.87 16.93 19.76
C THR A 49 -10.69 15.42 19.55
N PHE A 50 -11.28 14.63 20.45
CA PHE A 50 -11.32 13.16 20.31
C PHE A 50 -12.47 12.63 21.14
N ASP A 51 -13.67 13.18 20.90
CA ASP A 51 -14.86 12.84 21.68
C ASP A 51 -15.43 11.49 21.28
N VAL A 52 -14.73 10.43 21.65
CA VAL A 52 -15.26 9.06 21.57
C VAL A 52 -16.14 8.83 22.80
N GLY A 53 -16.77 7.65 22.87
CA GLY A 53 -17.63 7.33 24.01
C GLY A 53 -16.84 6.94 25.25
N ASP A 54 -17.44 6.12 26.09
CA ASP A 54 -16.70 5.51 27.22
C ASP A 54 -16.24 4.08 26.89
N GLU A 55 -16.55 3.62 25.67
CA GLU A 55 -16.06 2.33 25.17
C GLU A 55 -14.54 2.30 24.99
N TYR A 56 -13.94 3.45 24.66
CA TYR A 56 -12.48 3.53 24.49
C TYR A 56 -11.85 4.61 25.36
N GLU A 57 -10.56 4.43 25.64
CA GLU A 57 -9.76 5.34 26.45
C GLU A 57 -8.53 5.68 25.62
N ILE A 58 -8.35 6.97 25.31
CA ILE A 58 -7.21 7.39 24.51
C ILE A 58 -5.95 7.34 25.34
N ILE A 59 -4.86 6.90 24.73
CA ILE A 59 -3.56 6.92 25.37
C ILE A 59 -2.75 8.07 24.76
N GLU A 60 -1.99 7.80 23.70
CA GLU A 60 -1.13 8.80 23.08
C GLU A 60 -1.57 9.04 21.64
N THR A 61 -1.35 10.25 21.16
CA THR A 61 -1.51 10.57 19.75
C THR A 61 -0.27 10.10 19.01
N ILE A 62 -0.43 9.20 18.04
CA ILE A 62 0.71 8.63 17.34
C ILE A 62 1.22 9.54 16.23
N GLY A 63 0.30 10.10 15.45
CA GLY A 63 0.70 10.97 14.37
C GLY A 63 -0.40 11.30 13.38
N ASN A 64 0.02 11.69 12.19
CA ASN A 64 -0.86 12.17 11.15
C ASN A 64 -0.72 11.40 9.84
N GLY A 65 -1.88 10.99 9.30
CA GLY A 65 -2.02 10.82 7.86
C GLY A 65 -2.13 12.22 7.26
N ALA A 66 -2.15 12.32 5.94
CA ALA A 66 -2.47 13.59 5.28
C ALA A 66 -3.82 14.10 5.80
N TYR A 67 -4.76 13.18 5.95
CA TYR A 67 -6.06 13.42 6.56
C TYR A 67 -6.55 12.09 7.15
N GLY A 68 -6.65 11.95 8.48
CA GLY A 68 -6.29 12.95 9.48
C GLY A 68 -5.45 12.37 10.62
N VAL A 69 -6.07 12.15 11.78
CA VAL A 69 -5.35 11.94 13.05
C VAL A 69 -5.45 10.54 13.65
N VAL A 70 -4.31 9.98 14.09
CA VAL A 70 -4.28 8.61 14.62
C VAL A 70 -3.78 8.55 16.07
N SER A 71 -4.65 8.13 16.97
CA SER A 71 -4.30 7.95 18.39
C SER A 71 -4.42 6.49 18.79
N SER A 72 -3.49 6.02 19.62
CA SER A 72 -3.61 4.71 20.23
C SER A 72 -4.64 4.85 21.31
N ALA A 73 -5.36 3.76 21.55
CA ALA A 73 -6.40 3.74 22.56
C ALA A 73 -6.48 2.36 23.18
N ARG A 74 -7.42 2.19 24.09
CA ARG A 74 -7.61 0.94 24.82
C ARG A 74 -9.11 0.73 24.95
N ARG A 75 -9.61 -0.44 24.54
CA ARG A 75 -11.03 -0.74 24.72
C ARG A 75 -11.29 -0.92 26.21
N ARG A 76 -12.41 -0.40 26.70
CA ARG A 76 -12.62 -0.25 28.14
C ARG A 76 -12.81 -1.58 28.85
N LEU A 77 -13.59 -2.48 28.23
CA LEU A 77 -13.95 -3.74 28.87
C LEU A 77 -12.83 -4.80 28.75
N THR A 78 -12.23 -4.91 27.58
CA THR A 78 -11.20 -5.94 27.34
C THR A 78 -9.79 -5.48 27.71
N GLY A 79 -9.58 -4.16 27.82
CA GLY A 79 -8.24 -3.60 28.00
C GLY A 79 -7.31 -3.79 26.80
N GLN A 80 -7.87 -4.20 25.67
CA GLN A 80 -7.11 -4.53 24.47
C GLN A 80 -6.80 -3.26 23.72
N GLN A 81 -5.59 -3.15 23.20
CA GLN A 81 -5.14 -1.89 22.59
C GLN A 81 -5.48 -1.78 21.11
N VAL A 82 -6.14 -0.68 20.76
CA VAL A 82 -6.54 -0.40 19.38
C VAL A 82 -5.95 0.93 18.93
N ALA A 83 -6.05 1.21 17.64
CA ALA A 83 -5.67 2.53 17.11
C ALA A 83 -6.92 3.18 16.57
N ILE A 84 -7.15 4.44 16.92
CA ILE A 84 -8.32 5.16 16.49
C ILE A 84 -7.93 6.31 15.56
N LYS A 85 -8.53 6.33 14.38
CA LYS A 85 -8.30 7.41 13.42
C LYS A 85 -9.51 8.30 13.37
N LYS A 86 -9.32 9.58 13.70
CA LYS A 86 -10.35 10.59 13.53
C LYS A 86 -10.17 11.23 12.17
N ILE A 87 -11.28 11.39 11.45
CA ILE A 87 -11.30 12.06 10.16
C ILE A 87 -12.14 13.34 10.33
N PRO A 88 -11.47 14.49 10.55
CA PRO A 88 -12.09 15.70 11.12
C PRO A 88 -13.28 16.33 10.37
N ASN A 89 -13.21 16.45 9.04
CA ASN A 89 -14.32 17.04 8.28
C ASN A 89 -14.61 16.16 7.07
N ALA A 90 -15.02 14.93 7.38
CA ALA A 90 -14.92 13.83 6.45
C ALA A 90 -15.75 14.01 5.19
N PHE A 91 -16.75 14.89 5.23
CA PHE A 91 -17.70 15.06 4.12
C PHE A 91 -17.62 16.39 3.38
N ASP A 92 -16.69 17.27 3.77
CA ASP A 92 -16.60 18.63 3.18
C ASP A 92 -16.07 18.70 1.75
N VAL A 93 -15.10 17.84 1.44
CA VAL A 93 -14.38 17.86 0.17
C VAL A 93 -14.67 16.56 -0.61
N VAL A 94 -15.35 16.68 -1.73
CA VAL A 94 -15.78 15.51 -2.51
C VAL A 94 -14.68 14.45 -2.70
N THR A 95 -13.48 14.89 -3.05
CA THR A 95 -12.38 13.97 -3.40
C THR A 95 -11.96 13.15 -2.19
N ASN A 96 -11.96 13.77 -1.02
CA ASN A 96 -11.59 13.09 0.22
C ASN A 96 -12.68 12.12 0.68
N ALA A 97 -13.91 12.57 0.63
CA ALA A 97 -15.04 11.75 1.01
C ALA A 97 -15.05 10.49 0.16
N LYS A 98 -14.80 10.63 -1.15
CA LYS A 98 -14.68 9.47 -2.06
C LYS A 98 -13.56 8.52 -1.59
N ARG A 99 -12.42 9.06 -1.17
CA ARG A 99 -11.32 8.23 -0.68
C ARG A 99 -11.76 7.42 0.54
N THR A 100 -12.32 8.11 1.53
CA THR A 100 -12.80 7.48 2.74
C THR A 100 -13.81 6.35 2.45
N LEU A 101 -14.79 6.62 1.59
CA LEU A 101 -15.79 5.60 1.26
C LEU A 101 -15.09 4.42 0.62
N ARG A 102 -14.18 4.69 -0.29
CA ARG A 102 -13.44 3.65 -0.98
C ARG A 102 -12.68 2.82 0.01
N GLU A 103 -12.01 3.46 0.95
CA GLU A 103 -11.17 2.75 1.91
C GLU A 103 -11.97 1.92 2.91
N LEU A 104 -13.12 2.40 3.36
CA LEU A 104 -13.99 1.60 4.21
C LEU A 104 -14.45 0.32 3.52
N LYS A 105 -14.87 0.43 2.27
CA LYS A 105 -15.44 -0.72 1.56
C LYS A 105 -14.39 -1.82 1.40
N ILE A 106 -13.18 -1.43 1.02
CA ILE A 106 -12.09 -2.38 0.84
C ILE A 106 -11.70 -3.05 2.16
N LEU A 107 -11.58 -2.28 3.24
CA LEU A 107 -11.24 -2.87 4.54
C LEU A 107 -12.35 -3.78 5.06
N LYS A 108 -13.61 -3.38 4.93
CA LYS A 108 -14.72 -4.23 5.32
C LYS A 108 -14.79 -5.52 4.49
N HIS A 109 -14.22 -5.50 3.29
CA HIS A 109 -14.20 -6.69 2.42
C HIS A 109 -13.12 -7.71 2.78
N PHE A 110 -12.04 -7.26 3.41
CA PHE A 110 -10.86 -8.12 3.63
C PHE A 110 -10.77 -8.65 5.07
N LYS A 111 -10.54 -9.95 5.21
CA LYS A 111 -10.16 -10.54 6.48
C LYS A 111 -8.84 -11.28 6.27
N HIS A 112 -7.73 -10.66 6.66
CA HIS A 112 -6.41 -11.22 6.42
C HIS A 112 -5.38 -10.70 7.42
N ASP A 113 -4.62 -11.61 8.03
CA ASP A 113 -3.63 -11.27 9.05
C ASP A 113 -2.58 -10.26 8.58
N ASN A 114 -2.41 -10.15 7.27
CA ASN A 114 -1.42 -9.25 6.68
C ASN A 114 -1.99 -7.98 6.06
N ILE A 115 -3.28 -7.71 6.29
CA ILE A 115 -3.90 -6.49 5.83
C ILE A 115 -4.61 -5.85 7.02
N ILE A 116 -4.28 -4.59 7.30
CA ILE A 116 -4.83 -3.83 8.43
C ILE A 116 -6.35 -3.92 8.40
N ALA A 117 -6.98 -3.90 9.57
CA ALA A 117 -8.38 -4.28 9.67
C ALA A 117 -9.19 -3.33 10.52
N ILE A 118 -10.49 -3.24 10.22
CA ILE A 118 -11.40 -2.40 10.97
C ILE A 118 -12.02 -3.24 12.06
N LYS A 119 -11.90 -2.77 13.29
CA LYS A 119 -12.46 -3.41 14.46
C LYS A 119 -13.78 -2.74 14.88
N ASP A 120 -13.91 -1.45 14.60
CA ASP A 120 -15.15 -0.72 14.83
C ASP A 120 -15.19 0.55 13.99
N ILE A 121 -16.39 1.01 13.66
CA ILE A 121 -16.59 2.38 13.18
C ILE A 121 -17.66 3.00 14.08
N LEU A 122 -17.38 4.16 14.65
CA LEU A 122 -18.27 4.70 15.68
C LEU A 122 -19.52 5.30 15.06
N ARG A 123 -20.65 5.13 15.74
CA ARG A 123 -21.92 5.62 15.25
C ARG A 123 -21.91 7.14 15.38
N PRO A 124 -22.73 7.83 14.57
CA PRO A 124 -22.90 9.24 14.87
C PRO A 124 -23.56 9.45 16.24
N THR A 125 -23.00 10.36 17.02
CA THR A 125 -23.56 10.75 18.30
C THR A 125 -24.30 12.08 18.17
N VAL A 126 -24.53 12.52 16.93
CA VAL A 126 -25.33 13.70 16.64
C VAL A 126 -26.25 13.43 15.46
N PRO A 127 -27.23 14.32 15.22
CA PRO A 127 -28.09 14.17 14.04
C PRO A 127 -27.31 14.04 12.72
N TYR A 128 -27.94 13.41 11.74
CA TYR A 128 -27.28 13.13 10.46
C TYR A 128 -26.76 14.41 9.79
N GLY A 129 -27.54 15.48 9.85
CA GLY A 129 -27.13 16.75 9.27
C GLY A 129 -25.85 17.29 9.90
N GLU A 130 -25.75 17.18 11.23
CA GLU A 130 -24.63 17.76 11.98
C GLU A 130 -23.35 16.90 11.97
N PHE A 131 -23.46 15.66 11.50
CA PHE A 131 -22.36 14.68 11.53
C PHE A 131 -21.20 15.04 10.58
N LYS A 132 -20.05 15.39 11.17
CA LYS A 132 -18.85 15.88 10.44
C LYS A 132 -17.67 14.90 10.48
N SER A 133 -17.30 14.49 11.69
CA SER A 133 -16.05 13.76 11.91
C SER A 133 -16.30 12.27 12.18
N VAL A 134 -15.65 11.42 11.38
CA VAL A 134 -15.83 9.96 11.46
C VAL A 134 -14.65 9.33 12.17
N TYR A 135 -14.92 8.43 13.10
CA TYR A 135 -13.88 7.71 13.85
C TYR A 135 -13.83 6.22 13.48
N VAL A 136 -12.68 5.75 13.00
CA VAL A 136 -12.47 4.33 12.69
C VAL A 136 -11.48 3.67 13.65
N VAL A 137 -11.91 2.59 14.29
CA VAL A 137 -11.02 1.80 15.17
C VAL A 137 -10.30 0.71 14.37
N LEU A 138 -8.97 0.74 14.38
CA LEU A 138 -8.15 -0.19 13.58
C LEU A 138 -7.08 -0.89 14.43
N ASP A 139 -6.50 -1.95 13.87
CA ASP A 139 -5.33 -2.63 14.46
C ASP A 139 -4.26 -1.62 14.77
N LEU A 140 -3.71 -1.66 15.98
CA LEU A 140 -2.59 -0.78 16.36
C LEU A 140 -1.34 -1.60 16.24
N MET A 141 -0.37 -1.12 15.44
CA MET A 141 0.93 -1.76 15.31
C MET A 141 1.93 -0.85 16.00
N GLU A 142 3.18 -1.26 16.05
CA GLU A 142 4.18 -0.55 16.85
C GLU A 142 5.05 0.40 16.04
N SER A 143 5.21 0.13 14.75
CA SER A 143 6.03 0.94 13.88
C SER A 143 5.63 0.70 12.43
N ASP A 144 6.35 1.32 11.51
CA ASP A 144 6.24 0.97 10.10
C ASP A 144 7.62 0.64 9.53
N LEU A 145 7.63 0.14 8.32
CA LEU A 145 8.82 -0.47 7.74
C LEU A 145 9.87 0.57 7.35
N HIS A 146 9.45 1.81 7.16
CA HIS A 146 10.37 2.90 6.91
C HIS A 146 11.24 3.18 8.13
N GLN A 147 10.63 3.20 9.31
CA GLN A 147 11.38 3.43 10.55
C GLN A 147 12.38 2.30 10.79
N ILE A 148 11.99 1.10 10.41
CA ILE A 148 12.80 -0.06 10.67
C ILE A 148 14.01 -0.11 9.74
N ILE A 149 13.77 0.09 8.46
CA ILE A 149 14.87 0.10 7.49
C ILE A 149 15.91 1.19 7.79
N HIS A 150 15.45 2.38 8.13
CA HIS A 150 16.34 3.52 8.34
C HIS A 150 16.57 3.79 9.83
N SER A 151 17.16 2.81 10.51
CA SER A 151 17.45 2.93 11.94
C SER A 151 18.75 2.24 12.29
N SER A 152 19.34 2.65 13.42
CA SER A 152 20.60 2.09 13.91
C SER A 152 20.52 0.59 14.21
N GLN A 153 19.32 0.10 14.52
CA GLN A 153 19.07 -1.33 14.74
C GLN A 153 19.53 -2.17 13.55
N PRO A 154 20.03 -3.39 13.78
CA PRO A 154 20.50 -4.24 12.68
C PRO A 154 19.34 -4.94 11.98
N LEU A 155 19.50 -5.20 10.69
CA LEU A 155 18.45 -5.80 9.87
C LEU A 155 19.03 -6.93 9.03
N THR A 156 18.86 -8.16 9.52
CA THR A 156 19.41 -9.34 8.88
C THR A 156 18.49 -9.84 7.77
N LEU A 157 19.02 -10.71 6.92
CA LEU A 157 18.29 -11.28 5.80
C LEU A 157 17.05 -12.03 6.25
N GLU A 158 17.13 -12.63 7.43
CA GLU A 158 15.99 -13.34 8.01
C GLU A 158 14.80 -12.42 8.25
N HIS A 159 15.09 -11.20 8.69
CA HIS A 159 14.05 -10.18 8.81
C HIS A 159 13.47 -9.87 7.45
N VAL A 160 14.36 -9.56 6.52
CA VAL A 160 13.99 -9.16 5.17
C VAL A 160 13.14 -10.24 4.52
N ARG A 161 13.58 -11.49 4.68
CA ARG A 161 12.89 -12.64 4.14
C ARG A 161 11.49 -12.78 4.70
N TYR A 162 11.36 -12.63 6.02
CA TYR A 162 10.05 -12.72 6.67
C TYR A 162 9.11 -11.56 6.34
N PHE A 163 9.66 -10.35 6.25
CA PHE A 163 8.87 -9.18 5.90
C PHE A 163 8.33 -9.30 4.48
N LEU A 164 9.18 -9.78 3.57
CA LEU A 164 8.77 -9.90 2.17
C LEU A 164 7.68 -10.95 2.00
N TYR A 165 7.81 -12.07 2.73
CA TYR A 165 6.84 -13.14 2.68
C TYR A 165 5.43 -12.69 3.05
N GLN A 166 5.35 -11.86 4.10
CA GLN A 166 4.05 -11.41 4.58
C GLN A 166 3.42 -10.42 3.63
N LEU A 167 4.25 -9.51 3.13
CA LEU A 167 3.85 -8.56 2.12
C LEU A 167 3.20 -9.27 0.93
N LEU A 168 3.90 -10.26 0.39
CA LEU A 168 3.44 -10.99 -0.80
C LEU A 168 2.20 -11.84 -0.52
N ARG A 169 2.14 -12.39 0.69
CA ARG A 169 0.97 -13.15 1.13
C ARG A 169 -0.24 -12.24 1.21
N GLY A 170 -0.02 -11.00 1.63
CA GLY A 170 -1.09 -10.03 1.69
C GLY A 170 -1.54 -9.68 0.29
N LEU A 171 -0.58 -9.46 -0.61
CA LEU A 171 -0.89 -9.04 -1.96
C LEU A 171 -1.57 -10.13 -2.77
N LYS A 172 -1.17 -11.39 -2.57
CA LYS A 172 -1.82 -12.49 -3.28
C LYS A 172 -3.33 -12.49 -3.00
N TYR A 173 -3.70 -12.20 -1.75
CA TYR A 173 -5.09 -12.14 -1.35
C TYR A 173 -5.78 -10.96 -2.03
N MET A 174 -5.20 -9.76 -1.90
CA MET A 174 -5.69 -8.56 -2.59
C MET A 174 -5.92 -8.80 -4.07
N HIS A 175 -4.84 -9.15 -4.76
CA HIS A 175 -4.89 -9.31 -6.20
C HIS A 175 -5.93 -10.33 -6.67
N SER A 176 -6.10 -11.42 -5.92
CA SER A 176 -7.19 -12.37 -6.20
C SER A 176 -8.55 -11.68 -6.08
N ALA A 177 -8.64 -10.67 -5.23
CA ALA A 177 -9.86 -9.86 -5.13
C ALA A 177 -9.94 -8.85 -6.27
N GLN A 178 -8.87 -8.78 -7.06
CA GLN A 178 -8.75 -7.81 -8.16
C GLN A 178 -8.79 -6.39 -7.62
N VAL A 179 -7.88 -6.15 -6.68
CA VAL A 179 -7.65 -4.84 -6.08
C VAL A 179 -6.16 -4.55 -6.14
N ILE A 180 -5.80 -3.50 -6.86
CA ILE A 180 -4.42 -3.03 -6.95
C ILE A 180 -4.22 -2.03 -5.82
N HIS A 181 -3.11 -2.11 -5.11
CA HIS A 181 -2.87 -1.19 -3.98
C HIS A 181 -2.47 0.20 -4.48
N ARG A 182 -1.58 0.23 -5.47
CA ARG A 182 -1.20 1.45 -6.18
C ARG A 182 -0.28 2.40 -5.41
N ASP A 183 -0.24 2.33 -4.08
CA ASP A 183 0.65 3.19 -3.30
C ASP A 183 1.46 2.44 -2.23
N LEU A 184 2.05 1.31 -2.60
CA LEU A 184 2.87 0.55 -1.67
C LEU A 184 4.20 1.25 -1.38
N LYS A 185 4.48 1.50 -0.10
CA LYS A 185 5.78 1.98 0.34
C LYS A 185 6.02 1.57 1.81
N PRO A 186 7.29 1.62 2.27
CA PRO A 186 7.56 1.12 3.63
C PRO A 186 6.73 1.77 4.74
N SER A 187 6.37 3.04 4.61
CA SER A 187 5.55 3.68 5.66
C SER A 187 4.06 3.24 5.64
N ASN A 188 3.62 2.61 4.55
CA ASN A 188 2.30 1.98 4.46
C ASN A 188 2.35 0.49 4.85
N LEU A 189 3.50 0.04 5.35
CA LEU A 189 3.65 -1.32 5.82
C LEU A 189 3.93 -1.30 7.31
N LEU A 190 2.91 -1.65 8.09
CA LEU A 190 2.99 -1.59 9.54
C LEU A 190 3.59 -2.86 10.10
N VAL A 191 4.27 -2.73 11.23
CA VAL A 191 5.15 -3.77 11.73
C VAL A 191 5.24 -3.66 13.25
N ASN A 192 5.56 -4.77 13.91
CA ASN A 192 5.77 -4.75 15.35
C ASN A 192 6.96 -5.65 15.77
N GLU A 193 7.22 -5.70 17.08
CA GLU A 193 8.39 -6.36 17.66
C GLU A 193 8.66 -7.76 17.11
N ASN A 194 7.62 -8.58 17.01
CA ASN A 194 7.76 -9.95 16.48
C ASN A 194 7.68 -10.04 14.96
N CYS A 195 8.01 -8.94 14.28
CA CYS A 195 8.05 -8.83 12.81
C CYS A 195 6.77 -9.15 12.04
N GLU A 196 5.63 -9.22 12.75
CA GLU A 196 4.33 -9.33 12.12
C GLU A 196 4.13 -8.05 11.28
N LEU A 197 3.68 -8.22 10.03
CA LEU A 197 3.50 -7.10 9.10
C LEU A 197 2.06 -6.99 8.62
N LYS A 198 1.58 -5.76 8.45
CA LYS A 198 0.24 -5.51 7.90
C LYS A 198 0.28 -4.36 6.90
N ILE A 199 -0.35 -4.58 5.76
CA ILE A 199 -0.45 -3.58 4.71
C ILE A 199 -1.59 -2.64 5.07
N GLY A 200 -1.36 -1.34 4.94
CA GLY A 200 -2.40 -0.34 5.21
C GLY A 200 -2.46 0.75 4.18
N ASP A 201 -3.47 1.60 4.31
CA ASP A 201 -3.67 2.80 3.46
C ASP A 201 -4.07 2.48 2.02
N PHE A 202 -5.37 2.33 1.81
CA PHE A 202 -5.93 1.92 0.52
C PHE A 202 -6.62 3.06 -0.21
N GLY A 203 -6.29 4.29 0.16
CA GLY A 203 -6.91 5.46 -0.44
C GLY A 203 -6.65 5.62 -1.93
N MET A 204 -5.57 5.02 -2.41
CA MET A 204 -5.23 5.06 -3.84
C MET A 204 -5.70 3.83 -4.62
N ALA A 205 -6.21 2.81 -3.91
CA ALA A 205 -6.52 1.52 -4.54
C ALA A 205 -7.45 1.68 -5.75
N ARG A 206 -7.39 0.72 -6.67
CA ARG A 206 -8.13 0.80 -7.92
C ARG A 206 -8.38 -0.59 -8.47
N GLY A 207 -9.40 -0.72 -9.33
CA GLY A 207 -9.73 -1.97 -10.01
C GLY A 207 -9.02 -2.07 -11.34
N LEU A 208 -9.76 -2.44 -12.39
CA LEU A 208 -9.20 -2.59 -13.75
C LEU A 208 -10.27 -2.51 -14.84
N GLN A 216 -8.52 13.44 -12.94
CA GLN A 216 -7.47 12.56 -13.48
C GLN A 216 -6.17 12.75 -12.69
N TYR A 217 -5.12 12.06 -13.13
CA TYR A 217 -3.78 12.24 -12.56
C TYR A 217 -2.83 12.87 -13.58
N PHE A 218 -1.87 13.64 -13.11
CA PHE A 218 -0.90 14.31 -13.98
C PHE A 218 0.52 14.20 -13.42
N MET A 219 1.47 13.92 -14.29
CA MET A 219 2.88 13.86 -13.92
C MET A 219 3.48 15.27 -13.82
N THR A 220 3.44 15.80 -12.61
CA THR A 220 4.08 17.07 -12.28
C THR A 220 5.58 16.87 -12.25
N GLU A 221 6.34 17.92 -12.55
CA GLU A 221 7.79 17.79 -12.70
C GLU A 221 8.51 17.73 -11.35
N TYR A 222 8.65 18.87 -10.69
CA TYR A 222 9.50 18.98 -9.50
C TYR A 222 8.82 18.38 -8.27
N VAL A 223 8.94 17.07 -8.16
CA VAL A 223 8.33 16.29 -7.09
C VAL A 223 9.15 15.01 -6.88
N ALA A 224 9.41 14.67 -5.62
CA ALA A 224 10.21 13.50 -5.26
C ALA A 224 9.38 12.44 -4.51
N THR A 225 8.15 12.21 -4.97
CA THR A 225 7.22 11.30 -4.27
C THR A 225 6.88 10.02 -5.05
N ARG A 226 7.67 9.68 -6.06
CA ARG A 226 7.39 8.54 -6.94
C ARG A 226 8.50 7.48 -6.92
N TRP A 227 9.13 7.29 -5.76
CA TRP A 227 10.27 6.36 -5.66
C TRP A 227 9.88 4.89 -5.88
N TYR A 228 8.61 4.57 -5.67
CA TYR A 228 8.09 3.21 -5.77
C TYR A 228 7.06 3.04 -6.89
N ARG A 229 6.90 4.06 -7.74
CA ARG A 229 5.93 4.01 -8.84
C ARG A 229 6.47 3.23 -10.05
N ALA A 230 5.65 2.29 -10.54
CA ALA A 230 6.01 1.47 -11.68
C ALA A 230 6.08 2.30 -12.96
N PRO A 231 6.98 1.92 -13.88
CA PRO A 231 7.12 2.62 -15.15
C PRO A 231 5.79 2.84 -15.89
N GLU A 232 4.86 1.89 -15.82
CA GLU A 232 3.59 2.04 -16.54
C GLU A 232 2.80 3.25 -16.05
N LEU A 233 2.94 3.60 -14.77
CA LEU A 233 2.32 4.82 -14.23
C LEU A 233 3.11 6.10 -14.56
N MET A 234 4.36 5.94 -14.96
CA MET A 234 5.19 7.08 -15.35
C MET A 234 5.01 7.35 -16.83
N LEU A 235 5.57 6.48 -17.67
CA LEU A 235 5.51 6.60 -19.12
C LEU A 235 4.18 6.02 -19.59
N SER A 236 3.11 6.76 -19.34
CA SER A 236 1.73 6.26 -19.28
C SER A 236 1.32 5.24 -20.37
N LEU A 237 1.49 3.95 -20.07
CA LEU A 237 0.96 2.88 -20.93
C LEU A 237 -0.53 2.67 -20.62
N HIS A 238 -1.28 2.13 -21.58
CA HIS A 238 -2.74 2.09 -21.53
C HIS A 238 -3.30 0.75 -21.04
N GLU A 239 -2.57 0.09 -20.14
CA GLU A 239 -2.98 -1.18 -19.56
C GLU A 239 -2.34 -1.32 -18.17
N TYR A 240 -3.12 -1.03 -17.14
CA TYR A 240 -2.61 -1.05 -15.76
C TYR A 240 -3.17 -2.23 -14.97
N THR A 241 -2.27 -3.12 -14.52
CA THR A 241 -2.66 -4.36 -13.85
C THR A 241 -2.03 -4.47 -12.47
N GLN A 242 -2.24 -5.60 -11.79
CA GLN A 242 -1.73 -5.74 -10.45
C GLN A 242 -0.20 -5.89 -10.41
N ALA A 243 0.44 -6.02 -11.57
CA ALA A 243 1.90 -6.01 -11.66
C ALA A 243 2.49 -4.72 -11.08
N ILE A 244 1.68 -3.67 -11.02
CA ILE A 244 2.10 -2.39 -10.47
C ILE A 244 2.66 -2.55 -9.07
N ASP A 245 1.95 -3.29 -8.23
CA ASP A 245 2.38 -3.47 -6.84
C ASP A 245 3.69 -4.24 -6.74
N LEU A 246 3.91 -5.15 -7.68
CA LEU A 246 5.11 -5.95 -7.66
C LEU A 246 6.35 -5.16 -8.07
N TRP A 247 6.15 -4.04 -8.76
CA TRP A 247 7.25 -3.10 -8.95
C TRP A 247 7.64 -2.51 -7.60
N SER A 248 6.67 -1.89 -6.92
CA SER A 248 6.88 -1.34 -5.59
C SER A 248 7.44 -2.36 -4.60
N VAL A 249 7.03 -3.62 -4.72
CA VAL A 249 7.57 -4.63 -3.83
C VAL A 249 9.06 -4.79 -4.10
N GLY A 250 9.43 -4.85 -5.37
CA GLY A 250 10.84 -4.95 -5.76
C GLY A 250 11.66 -3.81 -5.16
N CYS A 251 11.14 -2.60 -5.26
CA CYS A 251 11.82 -1.43 -4.72
C CYS A 251 11.96 -1.51 -3.21
N ILE A 252 10.85 -1.82 -2.55
CA ILE A 252 10.82 -2.01 -1.08
C ILE A 252 11.79 -3.12 -0.69
N PHE A 253 11.63 -4.28 -1.31
CA PHE A 253 12.54 -5.40 -1.11
C PHE A 253 14.00 -4.93 -1.16
N GLY A 254 14.40 -4.39 -2.31
CA GLY A 254 15.76 -3.89 -2.48
C GLY A 254 16.16 -2.85 -1.44
N GLU A 255 15.21 -2.03 -1.02
CA GLU A 255 15.46 -1.04 0.02
C GLU A 255 15.97 -1.71 1.30
N MET A 256 15.39 -2.87 1.65
CA MET A 256 15.76 -3.59 2.87
C MET A 256 17.14 -4.21 2.77
N LEU A 257 17.49 -4.68 1.57
CA LEU A 257 18.80 -5.30 1.32
C LEU A 257 19.99 -4.32 1.42
N ALA A 258 19.75 -3.04 1.18
CA ALA A 258 20.78 -2.01 1.30
C ALA A 258 20.45 -0.96 2.36
N ARG A 259 19.26 -1.05 2.95
CA ARG A 259 18.76 -0.05 3.88
C ARG A 259 18.80 1.37 3.31
N ARG A 260 18.69 1.48 1.98
CA ARG A 260 18.64 2.78 1.30
C ARG A 260 17.86 2.71 -0.01
N GLN A 261 17.21 3.81 -0.37
CA GLN A 261 16.28 3.84 -1.49
C GLN A 261 17.00 3.54 -2.80
N LEU A 262 16.37 2.69 -3.61
CA LEU A 262 16.97 2.19 -4.84
C LEU A 262 16.90 3.24 -5.93
N PHE A 263 15.74 3.90 -6.04
CA PHE A 263 15.51 4.92 -7.06
C PHE A 263 14.98 6.23 -6.46
N PRO A 264 15.81 6.92 -5.67
CA PRO A 264 15.38 8.13 -5.00
C PRO A 264 15.43 9.37 -5.90
N GLY A 265 14.50 9.46 -6.85
CA GLY A 265 14.45 10.56 -7.80
C GLY A 265 13.98 11.87 -7.18
N LYS A 266 14.63 12.97 -7.57
CA LYS A 266 14.35 14.30 -7.01
C LYS A 266 13.24 15.00 -7.80
N ASN A 267 13.09 14.62 -9.06
CA ASN A 267 12.00 15.10 -9.90
C ASN A 267 11.61 14.04 -10.93
N TYR A 268 10.58 14.33 -11.74
CA TYR A 268 10.06 13.37 -12.72
C TYR A 268 11.12 12.77 -13.64
N VAL A 269 12.04 13.60 -14.12
CA VAL A 269 13.05 13.15 -15.08
C VAL A 269 14.13 12.34 -14.37
N HIS A 270 14.64 12.85 -13.26
CA HIS A 270 15.67 12.13 -12.47
C HIS A 270 15.18 10.75 -12.10
N GLN A 271 13.86 10.60 -11.95
CA GLN A 271 13.28 9.30 -11.63
C GLN A 271 13.49 8.30 -12.77
N LEU A 272 13.12 8.68 -13.99
CA LEU A 272 13.28 7.80 -15.15
C LEU A 272 14.76 7.55 -15.45
N GLN A 273 15.62 8.54 -15.18
CA GLN A 273 17.07 8.37 -15.34
C GLN A 273 17.60 7.25 -14.45
N LEU A 274 17.25 7.32 -13.16
CA LEU A 274 17.72 6.35 -12.16
C LEU A 274 17.33 4.92 -12.53
N ILE A 275 16.10 4.73 -12.99
CA ILE A 275 15.63 3.41 -13.45
C ILE A 275 16.47 2.92 -14.64
N MET A 276 16.72 3.82 -15.59
CA MET A 276 17.47 3.47 -16.78
C MET A 276 18.91 3.09 -16.43
N MET A 277 19.50 3.81 -15.47
CA MET A 277 20.89 3.57 -15.04
C MET A 277 21.10 2.14 -14.51
N VAL A 278 20.03 1.50 -14.06
CA VAL A 278 20.10 0.12 -13.55
C VAL A 278 19.53 -0.89 -14.54
N LEU A 279 18.34 -0.60 -15.09
CA LEU A 279 17.66 -1.56 -15.98
C LEU A 279 18.00 -1.39 -17.46
N GLY A 280 18.72 -0.33 -17.82
CA GLY A 280 19.03 -0.04 -19.22
C GLY A 280 17.85 0.60 -19.93
N THR A 281 17.92 0.65 -21.26
CA THR A 281 16.85 1.23 -22.08
C THR A 281 15.77 0.18 -22.32
N PRO A 282 14.50 0.62 -22.36
CA PRO A 282 13.41 -0.30 -22.67
C PRO A 282 13.35 -0.57 -24.17
N SER A 283 13.24 -1.85 -24.54
CA SER A 283 13.24 -2.27 -25.95
C SER A 283 12.18 -1.50 -26.74
N PRO A 284 12.44 -1.23 -28.03
CA PRO A 284 11.47 -0.48 -28.83
C PRO A 284 10.04 -0.97 -28.62
N ALA A 285 9.82 -2.28 -28.78
CA ALA A 285 8.50 -2.86 -28.53
C ALA A 285 7.90 -2.39 -27.20
N VAL A 286 8.75 -2.25 -26.18
CA VAL A 286 8.31 -1.82 -24.85
C VAL A 286 8.23 -0.28 -24.76
N ILE A 287 7.56 0.34 -25.72
CA ILE A 287 7.32 1.79 -25.73
C ILE A 287 5.87 2.05 -26.19
N GLN A 288 5.66 2.10 -27.50
CA GLN A 288 4.35 2.32 -28.09
C GLN A 288 4.10 1.36 -29.24
N ARG A 294 4.77 12.64 -27.62
CA ARG A 294 5.68 13.64 -27.09
C ARG A 294 6.70 13.03 -26.13
N VAL A 295 6.19 12.25 -25.17
CA VAL A 295 7.03 11.64 -24.13
C VAL A 295 8.00 10.61 -24.69
N ARG A 296 7.59 9.93 -25.75
CA ARG A 296 8.41 8.91 -26.42
C ARG A 296 9.78 9.47 -26.83
N ALA A 297 9.79 10.71 -27.30
CA ALA A 297 11.00 11.36 -27.83
C ALA A 297 12.18 11.39 -26.86
N TYR A 298 11.93 11.85 -25.64
CA TYR A 298 12.97 11.96 -24.60
C TYR A 298 13.85 10.70 -24.46
N ILE A 299 13.24 9.53 -24.64
CA ILE A 299 13.94 8.25 -24.48
C ILE A 299 14.46 7.67 -25.81
N GLN A 300 13.69 7.85 -26.89
CA GLN A 300 14.03 7.29 -28.21
C GLN A 300 15.49 7.57 -28.61
N SER A 301 15.95 8.78 -28.32
CA SER A 301 17.34 9.17 -28.56
C SER A 301 18.10 9.30 -27.24
N LEU A 302 18.54 8.16 -26.72
CA LEU A 302 19.40 8.11 -25.53
C LEU A 302 20.28 6.86 -25.65
N PRO A 303 21.62 7.04 -25.59
CA PRO A 303 22.57 5.98 -25.97
C PRO A 303 22.19 4.57 -25.49
N PRO A 304 22.39 3.54 -26.36
CA PRO A 304 21.90 2.19 -26.05
C PRO A 304 22.42 1.68 -24.71
N ARG A 305 21.57 1.75 -23.69
CA ARG A 305 21.92 1.40 -22.32
C ARG A 305 21.68 -0.08 -22.05
N GLN A 306 22.63 -0.72 -21.38
CA GLN A 306 22.53 -2.14 -21.04
C GLN A 306 22.09 -2.27 -19.57
N PRO A 307 21.34 -3.33 -19.22
CA PRO A 307 21.00 -3.55 -17.81
C PRO A 307 22.21 -3.92 -16.95
N VAL A 308 22.37 -3.21 -15.83
CA VAL A 308 23.42 -3.50 -14.87
C VAL A 308 22.93 -4.71 -14.07
N PRO A 309 23.79 -5.73 -13.90
CA PRO A 309 23.32 -6.89 -13.13
C PRO A 309 23.14 -6.54 -11.67
N TRP A 310 22.15 -7.16 -11.03
CA TRP A 310 21.81 -6.87 -9.63
C TRP A 310 22.92 -7.26 -8.65
N GLU A 311 23.80 -8.16 -9.08
CA GLU A 311 24.95 -8.58 -8.27
C GLU A 311 25.96 -7.44 -8.11
N THR A 312 26.13 -6.62 -9.15
CA THR A 312 27.00 -5.45 -9.07
C THR A 312 26.33 -4.27 -8.35
N VAL A 313 25.00 -4.29 -8.26
CA VAL A 313 24.26 -3.25 -7.54
C VAL A 313 24.36 -3.54 -6.04
N TYR A 314 24.08 -4.78 -5.66
CA TYR A 314 24.19 -5.22 -4.29
C TYR A 314 25.33 -6.24 -4.18
N PRO A 315 26.56 -5.76 -3.87
CA PRO A 315 27.66 -6.68 -3.67
C PRO A 315 27.58 -7.39 -2.32
N GLY A 316 27.70 -8.71 -2.34
CA GLY A 316 27.67 -9.53 -1.12
C GLY A 316 26.29 -9.96 -0.68
N ALA A 317 25.28 -9.71 -1.52
CA ALA A 317 23.90 -10.09 -1.22
C ALA A 317 23.65 -11.56 -1.54
N ASP A 318 22.48 -12.06 -1.14
CA ASP A 318 22.15 -13.47 -1.29
C ASP A 318 21.67 -13.79 -2.71
N ARG A 319 22.23 -14.85 -3.30
CA ARG A 319 21.93 -15.26 -4.66
C ARG A 319 20.44 -15.43 -4.92
N GLN A 320 19.72 -16.03 -3.97
CA GLN A 320 18.29 -16.28 -4.16
C GLN A 320 17.52 -14.97 -4.12
N ALA A 321 17.79 -14.16 -3.10
CA ALA A 321 17.17 -12.83 -2.96
C ALA A 321 17.21 -12.03 -4.27
N LEU A 322 18.35 -12.04 -4.94
CA LEU A 322 18.50 -11.30 -6.19
C LEU A 322 17.75 -11.96 -7.34
N SER A 323 17.76 -13.29 -7.40
CA SER A 323 16.98 -14.00 -8.41
C SER A 323 15.54 -13.52 -8.33
N LEU A 324 14.99 -13.50 -7.12
CA LEU A 324 13.62 -13.06 -6.89
C LEU A 324 13.46 -11.58 -7.26
N LEU A 325 14.38 -10.75 -6.77
CA LEU A 325 14.36 -9.31 -7.06
C LEU A 325 14.33 -9.04 -8.57
N GLY A 326 15.15 -9.77 -9.31
CA GLY A 326 15.23 -9.61 -10.76
C GLY A 326 13.98 -10.00 -11.50
N ARG A 327 13.12 -10.81 -10.87
CA ARG A 327 11.83 -11.16 -11.44
C ARG A 327 10.77 -10.09 -11.17
N MET A 328 11.06 -9.12 -10.31
CA MET A 328 10.09 -8.08 -9.97
C MET A 328 10.35 -6.74 -10.65
N LEU A 329 11.61 -6.30 -10.68
CA LEU A 329 11.96 -5.01 -11.32
C LEU A 329 12.26 -5.18 -12.81
N ARG A 330 11.20 -5.10 -13.62
CA ARG A 330 11.27 -5.21 -15.07
C ARG A 330 10.26 -4.28 -15.73
N PHE A 331 10.69 -3.53 -16.74
CA PHE A 331 9.81 -2.56 -17.40
C PHE A 331 8.49 -3.20 -17.81
N GLU A 332 8.59 -4.31 -18.54
CA GLU A 332 7.42 -4.98 -19.07
C GLU A 332 6.55 -5.48 -17.92
N PRO A 333 5.29 -5.03 -17.86
CA PRO A 333 4.43 -5.44 -16.74
C PRO A 333 4.15 -6.94 -16.75
N SER A 334 3.96 -7.50 -17.95
CA SER A 334 3.72 -8.92 -18.11
C SER A 334 4.95 -9.77 -17.79
N ALA A 335 6.15 -9.17 -17.85
CA ALA A 335 7.38 -9.89 -17.51
C ALA A 335 7.56 -10.13 -16.01
N ARG A 336 6.89 -9.33 -15.17
CA ARG A 336 7.03 -9.46 -13.72
C ARG A 336 6.27 -10.65 -13.16
N ILE A 337 6.88 -11.34 -12.20
CA ILE A 337 6.17 -12.35 -11.43
C ILE A 337 4.89 -11.80 -10.83
N SER A 338 3.93 -12.69 -10.62
CA SER A 338 2.77 -12.39 -9.80
C SER A 338 3.16 -12.61 -8.35
N ALA A 339 2.33 -12.17 -7.41
CA ALA A 339 2.56 -12.48 -5.99
C ALA A 339 2.44 -13.99 -5.76
N ALA A 340 1.41 -14.60 -6.33
CA ALA A 340 1.21 -16.04 -6.17
C ALA A 340 2.48 -16.82 -6.50
N ALA A 341 3.05 -16.55 -7.67
CA ALA A 341 4.26 -17.23 -8.12
C ALA A 341 5.46 -16.87 -7.27
N ALA A 342 5.56 -15.62 -6.87
CA ALA A 342 6.67 -15.19 -6.04
C ALA A 342 6.76 -16.06 -4.79
N LEU A 343 5.61 -16.45 -4.24
CA LEU A 343 5.58 -17.26 -3.02
C LEU A 343 6.13 -18.69 -3.21
N ARG A 344 6.17 -19.15 -4.46
CA ARG A 344 6.80 -20.43 -4.80
C ARG A 344 8.31 -20.28 -5.08
N HIS A 345 8.90 -19.15 -4.70
CA HIS A 345 10.31 -18.95 -4.96
C HIS A 345 11.14 -19.53 -3.82
N PRO A 346 12.29 -20.16 -4.14
CA PRO A 346 13.19 -20.74 -3.15
C PRO A 346 13.52 -19.82 -1.99
N PHE A 347 13.72 -18.54 -2.31
CA PHE A 347 14.02 -17.51 -1.32
C PHE A 347 13.05 -17.50 -0.15
N LEU A 348 11.77 -17.71 -0.43
CA LEU A 348 10.72 -17.71 0.60
C LEU A 348 10.30 -19.12 1.00
N ALA A 349 11.18 -20.09 0.80
CA ALA A 349 10.83 -21.50 1.00
C ALA A 349 10.58 -21.85 2.47
N LYS A 350 11.33 -21.25 3.39
CA LYS A 350 11.15 -21.45 4.84
C LYS A 350 9.68 -21.31 5.22
N TYR A 351 9.05 -20.29 4.66
CA TYR A 351 7.72 -19.88 5.07
C TYR A 351 6.59 -20.39 4.18
N HIS A 352 6.91 -20.85 2.97
CA HIS A 352 5.85 -21.15 2.01
C HIS A 352 4.95 -22.29 2.48
N ASP A 353 3.66 -21.99 2.57
CA ASP A 353 2.64 -22.96 2.94
C ASP A 353 1.41 -22.72 2.06
N PRO A 354 1.23 -23.57 1.04
CA PRO A 354 0.04 -23.54 0.17
C PRO A 354 -1.28 -23.45 0.92
N ASP A 355 -1.42 -24.19 2.00
CA ASP A 355 -2.69 -24.22 2.73
C ASP A 355 -2.88 -23.05 3.68
N ASP A 356 -1.92 -22.12 3.70
CA ASP A 356 -2.03 -20.96 4.58
C ASP A 356 -1.72 -19.64 3.84
N GLU A 357 -2.13 -19.56 2.57
CA GLU A 357 -1.90 -18.38 1.73
C GLU A 357 -3.11 -18.19 0.82
N PRO A 358 -4.27 -17.93 1.42
CA PRO A 358 -5.58 -17.95 0.77
C PRO A 358 -5.83 -16.81 -0.20
N ASP A 359 -6.75 -17.03 -1.14
CA ASP A 359 -7.29 -15.99 -2.01
C ASP A 359 -8.50 -15.33 -1.39
N CYS A 360 -8.95 -14.23 -1.99
CA CYS A 360 -10.13 -13.52 -1.55
C CYS A 360 -11.26 -13.76 -2.52
N ALA A 361 -12.38 -14.26 -2.02
CA ALA A 361 -13.57 -14.50 -2.84
C ALA A 361 -14.84 -14.19 -2.04
N PRO A 362 -15.75 -13.38 -2.59
CA PRO A 362 -15.80 -12.89 -3.97
C PRO A 362 -14.83 -11.73 -4.21
N PRO A 363 -14.59 -11.39 -5.49
CA PRO A 363 -13.76 -10.23 -5.81
C PRO A 363 -14.49 -8.95 -5.48
N PHE A 364 -13.76 -7.83 -5.52
CA PHE A 364 -14.27 -6.53 -5.08
C PHE A 364 -14.83 -5.71 -6.26
N ASP A 365 -16.12 -5.36 -6.20
CA ASP A 365 -16.76 -4.49 -7.21
C ASP A 365 -16.43 -3.01 -6.97
N PHE A 366 -16.06 -2.31 -8.04
CA PHE A 366 -15.74 -0.89 -7.97
C PHE A 366 -16.84 -0.02 -8.58
N ALA A 367 -18.03 -0.60 -8.76
CA ALA A 367 -19.16 0.12 -9.34
C ALA A 367 -19.36 1.45 -8.62
N PHE A 368 -19.49 1.40 -7.30
CA PHE A 368 -19.69 2.60 -6.48
C PHE A 368 -18.67 3.71 -6.78
N ASP A 369 -17.48 3.33 -7.18
CA ASP A 369 -16.42 4.29 -7.43
C ASP A 369 -16.61 5.01 -8.76
N ARG A 370 -16.87 4.25 -9.82
CA ARG A 370 -17.08 4.80 -11.16
C ARG A 370 -18.18 5.87 -11.14
N GLU A 371 -19.36 5.49 -10.64
CA GLU A 371 -20.50 6.39 -10.50
C GLU A 371 -20.09 7.79 -10.03
N ALA A 372 -20.57 8.82 -10.75
CA ALA A 372 -20.27 10.22 -10.41
C ALA A 372 -21.27 10.73 -9.36
N LEU A 373 -20.81 10.84 -8.12
CA LEU A 373 -21.67 11.12 -6.98
C LEU A 373 -21.47 12.53 -6.42
N THR A 374 -22.52 13.10 -5.86
CA THR A 374 -22.44 14.38 -5.18
C THR A 374 -21.75 14.24 -3.83
N ARG A 375 -21.42 15.38 -3.24
CA ARG A 375 -20.79 15.42 -1.92
C ARG A 375 -21.70 14.80 -0.86
N GLU A 376 -22.99 15.10 -0.97
CA GLU A 376 -23.96 14.66 0.00
C GLU A 376 -24.28 13.18 -0.19
N ARG A 377 -24.26 12.71 -1.44
CA ARG A 377 -24.55 11.29 -1.71
C ARG A 377 -23.42 10.38 -1.23
N ILE A 378 -22.20 10.90 -1.20
CA ILE A 378 -21.06 10.15 -0.63
C ILE A 378 -21.16 10.11 0.90
N LYS A 379 -21.72 11.15 1.50
CA LYS A 379 -21.93 11.17 2.94
C LYS A 379 -22.97 10.10 3.30
N GLU A 380 -24.04 10.05 2.52
CA GLU A 380 -25.06 9.02 2.64
C GLU A 380 -24.44 7.61 2.62
N ALA A 381 -23.59 7.36 1.63
CA ALA A 381 -22.98 6.04 1.46
C ALA A 381 -22.03 5.67 2.60
N ILE A 382 -21.26 6.64 3.06
CA ILE A 382 -20.35 6.41 4.18
C ILE A 382 -21.15 6.08 5.43
N VAL A 383 -22.18 6.88 5.72
CA VAL A 383 -23.05 6.61 6.87
C VAL A 383 -23.65 5.20 6.75
N ALA A 384 -24.09 4.84 5.55
CA ALA A 384 -24.63 3.52 5.28
C ALA A 384 -23.62 2.40 5.52
N GLU A 385 -22.33 2.65 5.30
CA GLU A 385 -21.29 1.67 5.63
C GLU A 385 -21.17 1.47 7.15
N ILE A 386 -21.28 2.58 7.89
CA ILE A 386 -21.29 2.53 9.35
C ILE A 386 -22.48 1.75 9.88
N GLU A 387 -23.68 2.00 9.35
CA GLU A 387 -24.86 1.27 9.80
C GLU A 387 -24.76 -0.21 9.40
N ASP A 388 -24.26 -0.46 8.19
CA ASP A 388 -24.06 -1.82 7.69
C ASP A 388 -23.07 -2.59 8.54
N PHE A 389 -21.98 -1.94 8.90
CA PHE A 389 -20.94 -2.54 9.74
C PHE A 389 -21.53 -3.07 11.04
N HIS A 390 -22.33 -2.26 11.72
CA HIS A 390 -22.94 -2.68 12.98
C HIS A 390 -24.05 -3.72 12.82
N ALA A 391 -24.76 -3.68 11.69
CA ALA A 391 -25.84 -4.63 11.43
C ALA A 391 -25.32 -6.07 11.34
N ARG A 392 -24.20 -6.26 10.63
CA ARG A 392 -23.58 -7.57 10.48
C ARG A 392 -23.05 -8.12 11.81
N ARG A 393 -22.40 -7.29 12.60
CA ARG A 393 -21.83 -7.71 13.89
C ARG A 393 -22.92 -8.01 14.91
N GLU A 394 -23.66 -6.99 15.31
CA GLU A 394 -24.76 -7.13 16.27
C GLU A 394 -25.99 -7.70 15.58
CAP R4L B . -0.57 6.36 12.37
CAN R4L B . 0.42 7.48 12.61
CAO R4L B . 0.52 8.01 11.17
CAQ R4L B . 0.25 6.79 10.26
CBO R4L B . 0.21 5.67 11.28
NBT R4L B . -0.45 4.37 10.89
CBK R4L B . -0.81 4.00 9.65
CAK R4L B . 0.16 4.20 8.66
CAG R4L B . -0.10 3.81 7.35
CAF R4L B . -1.29 3.19 7.03
CAJ R4L B . -2.23 2.94 8.02
CBJ R4L B . -1.98 3.33 9.33
CBI R4L B . -3.03 3.05 10.22
OAE R4L B . -4.19 3.10 9.78
NBS R4L B . -2.85 2.72 11.51
CAC R4L B . -4.09 2.50 12.34
C5 R4L B . -1.66 2.65 12.14
C6 R4L B . -1.53 1.71 13.16
N1 R4L B . -0.31 1.63 13.85
C4 R4L B . -0.56 3.45 11.85
N3 R4L B . 0.58 3.30 12.54
C2 R4L B . 0.72 2.42 13.54
NBB R4L B . 1.85 2.30 14.23
CBF R4L B . 2.90 3.15 14.12
CBH R4L B . 3.45 3.60 15.31
CAM R4L B . 4.56 4.46 15.32
OBC R4L B . 2.80 3.18 16.42
CAA R4L B . 3.30 3.68 17.67
CAI R4L B . 3.49 3.52 12.92
CAH R4L B . 4.60 4.36 12.93
CBE R4L B . 5.13 4.85 14.12
CBD R4L B . 6.28 5.65 14.09
OAD R4L B . 7.34 5.12 14.44
NBQ R4L B . 6.28 6.90 13.57
CAU R4L B . 7.56 7.64 13.51
CAS R4L B . 7.47 8.94 14.22
CAT R4L B . 5.05 7.55 13.14
CAR R4L B . 4.98 8.86 13.90
CBN R4L B . 6.28 9.63 13.52
NBR R4L B . 6.27 11.11 13.64
CAX R4L B . 5.12 11.75 12.98
CAV R4L B . 4.04 12.27 13.96
NBP R4L B . 4.57 13.17 15.01
CAB R4L B . 3.75 13.11 16.24
CAW R4L B . 5.96 12.89 15.36
CAY R4L B . 6.15 11.40 15.11
#